data_9H0C
#
_entry.id   9H0C
#
_cell.length_a   50.522
_cell.length_b   80.612
_cell.length_c   102.349
_cell.angle_alpha   90.00
_cell.angle_beta   90.00
_cell.angle_gamma   90.00
#
_symmetry.space_group_name_H-M   'P 21 21 21'
#
loop_
_entity.id
_entity.type
_entity.pdbx_description
1 polymer 'Endoplasmic reticulum chaperone BiP'
2 polymer 'Cerebral dopamine neurotrophic factor'
3 non-polymer 'MAGNESIUM ION'
4 non-polymer 'CHLORIDE ION'
5 non-polymer 'PHOSPHATE ION'
6 non-polymer GLYCEROL
7 water water
#
loop_
_entity_poly.entity_id
_entity_poly.type
_entity_poly.pdbx_seq_one_letter_code
_entity_poly.pdbx_strand_id
1 'polypeptide(L)'
;SDVGTVVGIDLGTTYSCVGVFKNGRVEIIANDQGNRITPSYVAFTPEGERLIGDAAKNQLTSNPENTVFDAKRLIGRTWN
DPSVQQDIKFLPFKVVEKKTKPYIQVDIGGGQTKTFAPEEISAMVLTKMKETAEAYLGKKVTHAVVTVPAYFNDAQRQAT
KDAGTIAGLNVMRIINEPTAAAIAYGLDKREGEKNILVFDLGGGTFDVSLLTIDNGVFEVVATNGDTHLGGEDFDQRVME
HFIKLYKKKTGKDVRKDNRAVQKLRREVEKAKRALSSQHQARIEIESFYEGEDFSETLTRAKFEELNMDLFRSTMKPVQK
VLEDSDLKKSDIDEIVLVGGSTRIPKIQQLVKEFFNGKEPSRGINPDEAVAYGAAVQAGVL
;
A
2 'polypeptide(L)' KYEKTLDLASVDLRKMRVAELKQILHSWGEECRACAEKTDYVNLIQELAPKYAATHPKTEL B
#
loop_
_chem_comp.id
_chem_comp.type
_chem_comp.name
_chem_comp.formula
CL non-polymer 'CHLORIDE ION' 'Cl -1'
GOL non-polymer GLYCEROL 'C3 H8 O3'
MG non-polymer 'MAGNESIUM ION' 'Mg 2'
PO4 non-polymer 'PHOSPHATE ION' 'O4 P -3'
#
# COMPACT_ATOMS: atom_id res chain seq x y z
N ASP A 2 15.66 17.31 -19.08
CA ASP A 2 14.18 17.13 -19.21
C ASP A 2 13.76 15.84 -18.52
N VAL A 3 12.70 15.92 -17.69
CA VAL A 3 12.30 14.82 -16.83
C VAL A 3 11.17 14.00 -17.50
N GLY A 4 10.76 14.44 -18.69
CA GLY A 4 9.77 13.71 -19.46
C GLY A 4 8.44 13.67 -18.73
N THR A 5 7.76 12.54 -18.86
CA THR A 5 6.51 12.36 -18.15
C THR A 5 6.81 11.70 -16.81
N VAL A 6 6.50 12.45 -15.75
CA VAL A 6 6.75 12.00 -14.41
C VAL A 6 5.49 11.24 -13.98
N VAL A 7 5.69 10.00 -13.49
CA VAL A 7 4.57 9.18 -13.08
C VAL A 7 4.50 9.13 -11.56
N GLY A 8 3.31 8.76 -11.08
CA GLY A 8 3.08 8.59 -9.67
C GLY A 8 3.00 7.10 -9.32
N ILE A 9 3.77 6.66 -8.31
CA ILE A 9 3.81 5.26 -7.96
C ILE A 9 3.56 5.06 -6.47
N ASP A 10 2.55 4.23 -6.22
CA ASP A 10 2.27 3.70 -4.89
C ASP A 10 3.00 2.38 -4.80
N LEU A 11 4.14 2.38 -4.05
CA LEU A 11 4.95 1.17 -3.89
C LEU A 11 4.45 0.51 -2.61
N GLY A 12 3.44 -0.38 -2.71
CA GLY A 12 2.71 -0.84 -1.53
C GLY A 12 3.21 -2.18 -0.98
N THR A 13 2.83 -2.47 0.27
CA THR A 13 3.27 -3.69 0.95
C THR A 13 2.90 -4.92 0.10
N THR A 14 1.62 -5.00 -0.28
CA THR A 14 1.14 -6.20 -0.97
C THR A 14 0.85 -5.93 -2.45
N TYR A 15 0.44 -4.70 -2.77
CA TYR A 15 0.14 -4.28 -4.14
C TYR A 15 0.70 -2.90 -4.42
N SER A 16 1.03 -2.69 -5.69
CA SER A 16 1.55 -1.42 -6.16
C SER A 16 0.67 -0.92 -7.31
N CYS A 17 0.76 0.40 -7.58
CA CYS A 17 -0.17 1.07 -8.47
C CYS A 17 0.54 2.27 -9.12
N VAL A 18 0.32 2.50 -10.42
CA VAL A 18 0.95 3.61 -11.11
C VAL A 18 -0.08 4.42 -11.87
N GLY A 19 0.05 5.75 -11.84
CA GLY A 19 -0.80 6.64 -12.62
C GLY A 19 0.00 7.77 -13.24
N VAL A 20 -0.69 8.45 -14.18
CA VAL A 20 -0.15 9.63 -14.85
C VAL A 20 -1.25 10.69 -14.95
N PHE A 21 -0.85 11.93 -14.71
CA PHE A 21 -1.72 13.08 -14.83
C PHE A 21 -1.76 13.54 -16.28
N LYS A 22 -2.96 13.68 -16.82
CA LYS A 22 -3.12 14.27 -18.13
C LYS A 22 -4.54 14.77 -18.33
N ASN A 23 -4.64 15.91 -19.01
CA ASN A 23 -5.91 16.47 -19.42
C ASN A 23 -6.78 16.69 -18.21
N GLY A 24 -6.17 17.14 -17.09
CA GLY A 24 -6.90 17.61 -15.93
C GLY A 24 -7.26 16.48 -14.96
N ARG A 25 -6.81 15.24 -15.25
CA ARG A 25 -7.15 14.12 -14.38
C ARG A 25 -5.99 13.12 -14.35
N VAL A 26 -6.15 12.07 -13.55
CA VAL A 26 -5.19 10.98 -13.51
C VAL A 26 -5.76 9.74 -14.19
N GLU A 27 -4.91 9.12 -15.00
N GLU A 27 -4.98 9.13 -15.10
CA GLU A 27 -5.18 7.82 -15.57
CA GLU A 27 -5.20 7.77 -15.58
C GLU A 27 -4.38 6.79 -14.76
C GLU A 27 -4.38 6.81 -14.73
N ILE A 28 -5.08 5.92 -14.01
CA ILE A 28 -4.44 4.80 -13.34
C ILE A 28 -4.21 3.73 -14.40
N ILE A 29 -2.97 3.25 -14.53
CA ILE A 29 -2.53 2.47 -15.68
C ILE A 29 -2.60 0.97 -15.41
N ALA A 30 -3.39 0.27 -16.25
CA ALA A 30 -3.46 -1.17 -16.14
C ALA A 30 -2.17 -1.82 -16.64
N ASN A 31 -1.78 -2.89 -15.95
CA ASN A 31 -0.62 -3.68 -16.30
C ASN A 31 -0.93 -4.56 -17.51
N ASP A 32 0.06 -5.33 -17.99
CA ASP A 32 -0.15 -6.16 -19.17
C ASP A 32 -1.14 -7.33 -18.97
N GLN A 33 -1.54 -7.64 -17.72
CA GLN A 33 -2.65 -8.57 -17.47
C GLN A 33 -3.99 -7.84 -17.29
N GLY A 34 -4.02 -6.51 -17.48
CA GLY A 34 -5.22 -5.72 -17.42
C GLY A 34 -5.61 -5.24 -16.03
N ASN A 35 -4.67 -5.32 -15.07
CA ASN A 35 -4.97 -5.02 -13.68
C ASN A 35 -4.39 -3.65 -13.33
N ARG A 36 -5.23 -2.87 -12.63
CA ARG A 36 -4.83 -1.53 -12.25
C ARG A 36 -4.04 -1.52 -10.95
N ILE A 37 -3.95 -2.69 -10.27
CA ILE A 37 -2.97 -2.88 -9.22
C ILE A 37 -2.14 -4.12 -9.55
N THR A 38 -0.91 -4.15 -9.05
CA THR A 38 0.05 -5.18 -9.37
C THR A 38 0.64 -5.75 -8.08
N PRO A 39 0.57 -7.08 -7.82
CA PRO A 39 1.17 -7.65 -6.59
C PRO A 39 2.63 -7.24 -6.44
N SER A 40 3.03 -6.85 -5.21
CA SER A 40 4.42 -6.54 -4.93
C SER A 40 5.21 -7.81 -4.63
N TYR A 41 5.28 -8.67 -5.65
CA TYR A 41 5.76 -10.05 -5.58
C TYR A 41 6.81 -10.30 -6.64
N VAL A 42 7.78 -11.14 -6.28
CA VAL A 42 8.82 -11.60 -7.17
C VAL A 42 8.99 -13.09 -6.97
N ALA A 43 9.11 -13.84 -8.05
CA ALA A 43 9.45 -15.25 -7.94
C ALA A 43 10.29 -15.66 -9.14
N PHE A 44 10.72 -16.92 -9.14
CA PHE A 44 11.51 -17.49 -10.24
C PHE A 44 10.88 -18.77 -10.75
N THR A 45 10.83 -18.97 -12.08
CA THR A 45 10.49 -20.28 -12.64
C THR A 45 11.58 -21.29 -12.29
N PRO A 46 11.26 -22.61 -12.30
CA PRO A 46 12.27 -23.66 -12.10
C PRO A 46 13.46 -23.49 -13.06
N GLU A 47 13.17 -23.01 -14.28
CA GLU A 47 14.16 -22.81 -15.33
C GLU A 47 14.98 -21.54 -15.12
N GLY A 48 14.61 -20.73 -14.14
CA GLY A 48 15.40 -19.56 -13.78
C GLY A 48 14.89 -18.25 -14.40
N GLU A 49 13.61 -18.18 -14.75
CA GLU A 49 13.07 -16.96 -15.34
C GLU A 49 12.46 -16.10 -14.22
N ARG A 50 12.72 -14.80 -14.25
CA ARG A 50 12.30 -13.90 -13.20
C ARG A 50 10.88 -13.44 -13.47
N LEU A 51 9.97 -13.68 -12.53
CA LEU A 51 8.59 -13.27 -12.63
C LEU A 51 8.33 -12.14 -11.64
N ILE A 52 7.56 -11.14 -12.06
CA ILE A 52 7.26 -10.01 -11.18
C ILE A 52 5.77 -9.73 -11.31
N GLY A 53 5.09 -9.43 -10.20
CA GLY A 53 3.69 -9.02 -10.27
C GLY A 53 2.74 -10.21 -10.23
N ASP A 54 1.72 -10.15 -11.10
CA ASP A 54 0.68 -11.16 -11.16
C ASP A 54 1.29 -12.54 -11.43
N ALA A 55 2.21 -12.62 -12.38
CA ALA A 55 2.80 -13.92 -12.73
C ALA A 55 3.49 -14.54 -11.52
N ALA A 56 4.14 -13.70 -10.72
CA ALA A 56 4.87 -14.19 -9.57
C ALA A 56 3.88 -14.69 -8.50
N LYS A 57 2.84 -13.90 -8.23
CA LYS A 57 1.88 -14.30 -7.21
C LYS A 57 1.06 -15.51 -7.67
N ASN A 58 0.78 -15.61 -8.98
CA ASN A 58 -0.12 -16.61 -9.50
C ASN A 58 0.60 -17.95 -9.67
N GLN A 59 1.93 -17.97 -9.64
CA GLN A 59 2.68 -19.18 -10.00
C GLN A 59 2.45 -20.22 -8.92
N LEU A 60 1.82 -21.35 -9.27
CA LEU A 60 1.59 -22.44 -8.33
C LEU A 60 2.93 -23.10 -8.02
N THR A 61 3.16 -23.39 -6.74
CA THR A 61 4.44 -23.92 -6.31
C THR A 61 4.25 -24.89 -5.14
N SER A 62 5.08 -25.93 -5.10
CA SER A 62 5.28 -26.72 -3.90
C SER A 62 6.30 -26.06 -2.96
N ASN A 63 7.00 -25.03 -3.45
CA ASN A 63 8.04 -24.32 -2.68
C ASN A 63 7.70 -22.85 -2.49
N PRO A 64 6.81 -22.56 -1.54
CA PRO A 64 6.48 -21.17 -1.17
C PRO A 64 7.66 -20.35 -0.64
N GLU A 65 8.73 -21.06 -0.22
CA GLU A 65 9.86 -20.37 0.39
C GLU A 65 10.66 -19.61 -0.66
N ASN A 66 10.38 -19.79 -1.97
CA ASN A 66 11.12 -19.12 -3.03
C ASN A 66 10.31 -18.01 -3.72
N THR A 67 9.18 -17.61 -3.10
CA THR A 67 8.38 -16.48 -3.57
C THR A 67 8.59 -15.34 -2.59
N VAL A 68 8.95 -14.18 -3.13
CA VAL A 68 9.27 -13.02 -2.31
C VAL A 68 8.14 -11.99 -2.37
N PHE A 69 7.80 -11.48 -1.19
CA PHE A 69 6.75 -10.49 -1.02
C PHE A 69 7.03 -9.77 0.29
N ASP A 70 6.26 -8.72 0.56
CA ASP A 70 6.38 -7.97 1.82
C ASP A 70 7.79 -7.41 2.03
N ALA A 71 8.58 -7.15 0.97
CA ALA A 71 9.91 -6.57 1.15
C ALA A 71 9.85 -5.19 1.81
N LYS A 72 8.71 -4.48 1.65
CA LYS A 72 8.49 -3.19 2.28
C LYS A 72 8.58 -3.25 3.81
N ARG A 73 8.27 -4.42 4.38
CA ARG A 73 8.41 -4.63 5.80
C ARG A 73 9.88 -4.56 6.25
N LEU A 74 10.82 -4.79 5.33
CA LEU A 74 12.24 -4.89 5.66
C LEU A 74 13.04 -3.70 5.14
N ILE A 75 12.53 -2.98 4.13
CA ILE A 75 13.30 -1.97 3.43
C ILE A 75 13.77 -0.85 4.38
N GLY A 76 15.06 -0.48 4.30
CA GLY A 76 15.60 0.57 5.14
C GLY A 76 15.74 0.22 6.63
N ARG A 77 15.51 -1.04 6.99
CA ARG A 77 15.61 -1.45 8.38
C ARG A 77 16.90 -2.23 8.59
N THR A 78 17.38 -2.16 9.83
CA THR A 78 18.53 -2.92 10.23
C THR A 78 18.13 -4.31 10.68
N TRP A 79 19.08 -5.24 10.71
CA TRP A 79 18.84 -6.62 11.11
C TRP A 79 18.31 -6.70 12.54
N ASN A 80 18.83 -5.85 13.44
CA ASN A 80 18.49 -5.89 14.86
C ASN A 80 17.19 -5.14 15.21
N ASP A 81 16.54 -4.52 14.21
CA ASP A 81 15.28 -3.82 14.40
C ASP A 81 14.27 -4.84 14.93
N PRO A 82 13.66 -4.64 16.12
CA PRO A 82 12.67 -5.59 16.63
C PRO A 82 11.56 -5.87 15.64
N SER A 83 11.26 -4.91 14.75
CA SER A 83 10.25 -5.11 13.70
C SER A 83 10.65 -6.20 12.70
N VAL A 84 11.92 -6.17 12.28
CA VAL A 84 12.47 -7.20 11.42
C VAL A 84 12.43 -8.54 12.15
N GLN A 85 12.91 -8.61 13.39
CA GLN A 85 13.02 -9.86 14.11
C GLN A 85 11.64 -10.49 14.31
N GLN A 86 10.59 -9.66 14.42
CA GLN A 86 9.24 -10.17 14.53
C GLN A 86 8.77 -10.67 13.15
N ASP A 87 9.01 -9.85 12.13
CA ASP A 87 8.43 -10.13 10.81
C ASP A 87 9.01 -11.39 10.18
N ILE A 88 10.31 -11.66 10.40
CA ILE A 88 10.93 -12.78 9.75
C ILE A 88 10.33 -14.10 10.25
N LYS A 89 9.70 -14.09 11.42
CA LYS A 89 9.08 -15.28 11.97
C LYS A 89 7.85 -15.70 11.15
N PHE A 90 7.19 -14.80 10.42
CA PHE A 90 6.01 -15.21 9.66
C PHE A 90 6.26 -15.19 8.15
N LEU A 91 7.47 -14.82 7.69
CA LEU A 91 7.77 -14.81 6.26
C LEU A 91 8.32 -16.16 5.87
N PRO A 92 7.87 -16.79 4.74
CA PRO A 92 8.23 -18.16 4.40
C PRO A 92 9.62 -18.30 3.80
N PHE A 93 10.13 -17.18 3.28
CA PHE A 93 11.45 -17.17 2.68
C PHE A 93 12.49 -16.82 3.75
N LYS A 94 13.74 -17.19 3.44
CA LYS A 94 14.85 -17.01 4.34
C LYS A 94 15.31 -15.56 4.31
N VAL A 95 15.46 -14.97 5.49
CA VAL A 95 16.02 -13.66 5.63
C VAL A 95 17.25 -13.84 6.51
N VAL A 96 18.39 -13.31 6.05
CA VAL A 96 19.68 -13.53 6.67
C VAL A 96 20.33 -12.18 6.90
N GLU A 97 21.19 -12.10 7.93
CA GLU A 97 21.94 -10.89 8.15
C GLU A 97 23.12 -10.83 7.19
N LYS A 98 23.29 -9.68 6.57
CA LYS A 98 24.45 -9.38 5.75
C LYS A 98 24.64 -7.85 5.83
N LYS A 99 25.83 -7.43 6.23
CA LYS A 99 26.20 -6.03 6.32
C LYS A 99 25.32 -5.31 7.35
N THR A 100 25.10 -5.96 8.51
CA THR A 100 24.10 -5.55 9.51
C THR A 100 22.67 -5.38 8.97
N LYS A 101 22.37 -5.89 7.75
CA LYS A 101 21.10 -5.65 7.09
C LYS A 101 20.40 -6.98 6.79
N PRO A 102 19.04 -7.00 6.73
CA PRO A 102 18.32 -8.21 6.33
C PRO A 102 18.47 -8.36 4.80
N TYR A 103 18.86 -9.55 4.38
CA TYR A 103 18.85 -9.86 2.97
C TYR A 103 17.90 -11.04 2.78
N ILE A 104 17.36 -11.15 1.57
CA ILE A 104 16.43 -12.21 1.25
C ILE A 104 17.13 -13.28 0.41
N GLN A 105 17.12 -14.54 0.87
CA GLN A 105 17.78 -15.62 0.16
C GLN A 105 16.71 -16.50 -0.50
N VAL A 106 16.81 -16.70 -1.83
CA VAL A 106 15.88 -17.59 -2.50
C VAL A 106 16.60 -18.42 -3.55
N ASP A 107 15.98 -19.55 -3.88
N ASP A 107 16.00 -19.56 -3.89
CA ASP A 107 16.32 -20.34 -5.05
CA ASP A 107 16.39 -20.34 -5.05
C ASP A 107 15.86 -19.58 -6.29
C ASP A 107 15.87 -19.63 -6.29
N ILE A 108 16.76 -19.42 -7.26
CA ILE A 108 16.46 -18.66 -8.47
C ILE A 108 16.38 -19.58 -9.69
N GLY A 109 16.41 -20.91 -9.46
CA GLY A 109 16.53 -21.90 -10.51
C GLY A 109 17.95 -22.45 -10.60
N GLY A 110 18.10 -23.72 -10.99
CA GLY A 110 19.39 -24.29 -11.33
C GLY A 110 20.21 -24.77 -10.13
N GLY A 111 19.56 -25.03 -9.00
CA GLY A 111 20.31 -25.34 -7.79
C GLY A 111 21.23 -24.18 -7.42
N GLN A 112 20.85 -22.96 -7.85
CA GLN A 112 21.50 -21.73 -7.45
C GLN A 112 20.53 -20.98 -6.52
N THR A 113 21.08 -20.47 -5.42
CA THR A 113 20.43 -19.48 -4.56
C THR A 113 21.07 -18.12 -4.78
N LYS A 114 20.34 -17.05 -4.44
CA LYS A 114 20.88 -15.70 -4.53
C LYS A 114 20.29 -14.89 -3.40
N THR A 115 21.07 -13.95 -2.86
CA THR A 115 20.63 -13.08 -1.78
C THR A 115 20.40 -11.67 -2.34
N PHE A 116 19.26 -11.07 -1.98
CA PHE A 116 18.84 -9.78 -2.48
C PHE A 116 18.58 -8.84 -1.30
N ALA A 117 18.99 -7.57 -1.42
CA ALA A 117 18.59 -6.58 -0.45
C ALA A 117 17.10 -6.32 -0.66
N PRO A 118 16.35 -5.91 0.39
CA PRO A 118 14.94 -5.54 0.20
C PRO A 118 14.82 -4.54 -0.94
N GLU A 119 15.74 -3.55 -1.01
CA GLU A 119 15.58 -2.53 -2.02
C GLU A 119 15.81 -3.10 -3.43
N GLU A 120 16.58 -4.21 -3.58
CA GLU A 120 16.65 -4.84 -4.90
C GLU A 120 15.33 -5.49 -5.30
N ILE A 121 14.59 -6.07 -4.36
CA ILE A 121 13.28 -6.63 -4.62
C ILE A 121 12.29 -5.52 -4.99
N SER A 122 12.27 -4.44 -4.21
CA SER A 122 11.42 -3.30 -4.51
C SER A 122 11.82 -2.66 -5.84
N ALA A 123 13.12 -2.66 -6.23
CA ALA A 123 13.52 -2.21 -7.56
C ALA A 123 12.87 -3.06 -8.66
N MET A 124 12.75 -4.38 -8.43
CA MET A 124 12.11 -5.24 -9.39
C MET A 124 10.62 -4.88 -9.51
N VAL A 125 9.95 -4.64 -8.37
CA VAL A 125 8.57 -4.19 -8.43
C VAL A 125 8.45 -2.86 -9.18
N LEU A 126 9.31 -1.89 -8.89
CA LEU A 126 9.29 -0.60 -9.57
C LEU A 126 9.53 -0.75 -11.06
N THR A 127 10.41 -1.67 -11.48
CA THR A 127 10.64 -1.97 -12.87
C THR A 127 9.32 -2.37 -13.55
N LYS A 128 8.57 -3.27 -12.91
CA LYS A 128 7.30 -3.68 -13.49
C LYS A 128 6.34 -2.48 -13.60
N MET A 129 6.26 -1.65 -12.56
CA MET A 129 5.37 -0.49 -12.62
C MET A 129 5.85 0.47 -13.71
N LYS A 130 7.18 0.63 -13.85
CA LYS A 130 7.78 1.44 -14.90
C LYS A 130 7.34 0.91 -16.28
N GLU A 131 7.49 -0.39 -16.50
CA GLU A 131 7.12 -1.02 -17.76
C GLU A 131 5.64 -0.82 -18.06
N THR A 132 4.80 -0.97 -17.03
CA THR A 132 3.37 -0.72 -17.14
C THR A 132 3.15 0.68 -17.72
N ALA A 133 3.81 1.68 -17.13
CA ALA A 133 3.61 3.05 -17.56
C ALA A 133 4.14 3.23 -18.97
N GLU A 134 5.31 2.65 -19.27
CA GLU A 134 5.93 2.85 -20.58
C GLU A 134 5.05 2.30 -21.69
N ALA A 135 4.40 1.17 -21.44
CA ALA A 135 3.54 0.55 -22.44
C ALA A 135 2.35 1.46 -22.74
N TYR A 136 1.79 2.09 -21.72
CA TYR A 136 0.67 3.00 -21.90
C TYR A 136 1.10 4.31 -22.59
N LEU A 137 2.23 4.90 -22.17
CA LEU A 137 2.67 6.19 -22.65
C LEU A 137 3.34 6.10 -24.03
N GLY A 138 3.84 4.92 -24.41
CA GLY A 138 4.60 4.75 -25.65
C GLY A 138 5.93 5.51 -25.65
N LYS A 139 6.56 5.61 -24.49
CA LYS A 139 7.86 6.24 -24.34
C LYS A 139 8.48 5.79 -23.04
N LYS A 140 9.77 6.06 -22.89
CA LYS A 140 10.47 5.67 -21.68
C LYS A 140 10.11 6.65 -20.57
N VAL A 141 10.07 6.09 -19.34
CA VAL A 141 9.86 6.83 -18.12
C VAL A 141 11.16 6.84 -17.32
N THR A 142 11.61 8.01 -16.86
CA THR A 142 12.86 8.14 -16.14
C THR A 142 12.70 8.75 -14.74
N HIS A 143 11.53 9.33 -14.44
CA HIS A 143 11.32 10.11 -13.23
C HIS A 143 9.95 9.77 -12.63
N ALA A 144 9.88 9.75 -11.29
CA ALA A 144 8.66 9.38 -10.59
C ALA A 144 8.55 10.10 -9.24
N VAL A 145 7.31 10.22 -8.76
CA VAL A 145 7.00 10.47 -7.37
C VAL A 145 6.55 9.14 -6.75
N VAL A 146 7.16 8.80 -5.62
CA VAL A 146 6.90 7.56 -4.94
C VAL A 146 6.40 7.85 -3.53
N THR A 147 5.38 7.08 -3.12
CA THR A 147 4.79 7.24 -1.80
C THR A 147 5.45 6.28 -0.81
N VAL A 148 5.36 6.65 0.49
CA VAL A 148 5.77 5.85 1.62
C VAL A 148 4.79 6.06 2.79
N PRO A 149 4.77 5.17 3.78
CA PRO A 149 4.01 5.40 5.02
C PRO A 149 4.55 6.62 5.79
N ALA A 150 3.63 7.34 6.43
CA ALA A 150 4.01 8.54 7.15
C ALA A 150 5.06 8.24 8.22
N TYR A 151 5.06 7.02 8.77
CA TYR A 151 5.94 6.67 9.87
C TYR A 151 7.34 6.27 9.37
N PHE A 152 7.56 6.20 8.06
CA PHE A 152 8.86 5.84 7.55
C PHE A 152 9.89 6.86 8.04
N ASN A 153 11.07 6.37 8.38
CA ASN A 153 12.15 7.22 8.87
C ASN A 153 13.04 7.63 7.70
N ASP A 154 14.15 8.36 8.00
CA ASP A 154 15.02 8.81 6.92
C ASP A 154 15.63 7.65 6.15
N ALA A 155 16.06 6.57 6.85
CA ALA A 155 16.71 5.44 6.20
C ALA A 155 15.75 4.72 5.27
N GLN A 156 14.51 4.57 5.75
CA GLN A 156 13.46 3.91 4.95
C GLN A 156 13.11 4.72 3.70
N ARG A 157 13.03 6.06 3.82
CA ARG A 157 12.76 6.92 2.68
C ARG A 157 13.92 6.87 1.69
N GLN A 158 15.18 6.89 2.21
CA GLN A 158 16.35 6.80 1.36
C GLN A 158 16.42 5.44 0.64
N ALA A 159 16.09 4.34 1.35
CA ALA A 159 16.13 3.03 0.75
C ALA A 159 15.07 2.91 -0.35
N THR A 160 13.95 3.64 -0.20
CA THR A 160 12.91 3.64 -1.25
C THR A 160 13.44 4.35 -2.50
N LYS A 161 14.14 5.48 -2.30
CA LYS A 161 14.76 6.23 -3.38
C LYS A 161 15.80 5.34 -4.07
N ASP A 162 16.56 4.59 -3.27
CA ASP A 162 17.58 3.67 -3.75
C ASP A 162 16.93 2.57 -4.60
N ALA A 163 15.82 1.98 -4.15
CA ALA A 163 15.05 1.05 -5.00
C ALA A 163 14.77 1.68 -6.36
N GLY A 164 14.31 2.95 -6.33
CA GLY A 164 14.06 3.69 -7.57
C GLY A 164 15.30 3.78 -8.44
N THR A 165 16.46 4.16 -7.86
CA THR A 165 17.71 4.31 -8.57
C THR A 165 18.11 2.99 -9.27
N ILE A 166 18.01 1.87 -8.55
CA ILE A 166 18.36 0.56 -9.08
C ILE A 166 17.47 0.22 -10.30
N ALA A 167 16.21 0.65 -10.26
CA ALA A 167 15.22 0.45 -11.34
C ALA A 167 15.33 1.47 -12.47
N GLY A 168 16.24 2.43 -12.37
CA GLY A 168 16.45 3.45 -13.40
C GLY A 168 15.50 4.63 -13.30
N LEU A 169 14.96 4.85 -12.11
CA LEU A 169 14.03 5.92 -11.86
C LEU A 169 14.67 6.92 -10.91
N ASN A 170 14.61 8.20 -11.30
CA ASN A 170 14.93 9.31 -10.41
C ASN A 170 13.66 9.64 -9.64
N VAL A 171 13.64 9.31 -8.36
CA VAL A 171 12.51 9.59 -7.49
C VAL A 171 12.62 11.05 -7.06
N MET A 172 11.80 11.90 -7.68
CA MET A 172 11.91 13.34 -7.52
C MET A 172 11.37 13.79 -6.16
N ARG A 173 10.32 13.10 -5.69
CA ARG A 173 9.66 13.38 -4.43
C ARG A 173 9.28 12.05 -3.80
N ILE A 174 9.53 11.97 -2.48
CA ILE A 174 8.91 10.97 -1.63
C ILE A 174 7.80 11.66 -0.84
N ILE A 175 6.56 11.16 -0.98
CA ILE A 175 5.45 11.82 -0.31
C ILE A 175 4.75 10.76 0.55
N ASN A 176 4.15 11.21 1.63
CA ASN A 176 3.51 10.31 2.57
C ASN A 176 2.18 9.83 2.00
N GLU A 177 1.90 8.54 2.17
CA GLU A 177 0.67 7.93 1.65
C GLU A 177 -0.58 8.73 2.04
N PRO A 178 -0.85 9.11 3.32
CA PRO A 178 -2.11 9.77 3.64
C PRO A 178 -2.27 11.13 2.95
N THR A 179 -1.16 11.83 2.82
CA THR A 179 -1.12 13.09 2.11
C THR A 179 -1.47 12.88 0.63
N ALA A 180 -0.87 11.87 0.01
CA ALA A 180 -1.19 11.51 -1.37
C ALA A 180 -2.69 11.25 -1.55
N ALA A 181 -3.31 10.50 -0.62
CA ALA A 181 -4.72 10.22 -0.76
C ALA A 181 -5.56 11.51 -0.67
N ALA A 182 -5.15 12.41 0.25
CA ALA A 182 -5.81 13.70 0.39
C ALA A 182 -5.67 14.54 -0.88
N ILE A 183 -4.49 14.56 -1.47
CA ILE A 183 -4.26 15.25 -2.74
C ILE A 183 -5.16 14.69 -3.84
N ALA A 184 -5.36 13.38 -3.86
CA ALA A 184 -6.17 12.73 -4.88
C ALA A 184 -7.58 13.34 -4.88
N TYR A 185 -8.10 13.62 -3.68
CA TYR A 185 -9.44 14.17 -3.48
C TYR A 185 -9.49 15.69 -3.54
N GLY A 186 -8.37 16.31 -3.92
CA GLY A 186 -8.33 17.72 -4.22
C GLY A 186 -8.39 18.56 -2.94
N LEU A 187 -8.08 17.96 -1.78
CA LEU A 187 -8.32 18.64 -0.50
C LEU A 187 -7.34 19.80 -0.30
N ASP A 188 -6.21 19.80 -1.02
CA ASP A 188 -5.25 20.89 -0.96
C ASP A 188 -5.69 22.12 -1.75
N LYS A 189 -6.75 22.02 -2.60
CA LYS A 189 -7.11 23.11 -3.49
C LYS A 189 -8.25 23.94 -2.89
N ARG A 190 -8.69 23.60 -1.68
CA ARG A 190 -9.81 24.28 -1.05
C ARG A 190 -9.25 25.28 -0.05
N GLU A 191 -10.05 26.32 0.25
CA GLU A 191 -9.64 27.34 1.20
C GLU A 191 -9.98 26.93 2.61
N GLY A 192 -9.15 27.41 3.52
CA GLY A 192 -9.42 27.32 4.93
C GLY A 192 -8.63 26.20 5.61
N GLU A 193 -8.80 26.16 6.93
CA GLU A 193 -8.07 25.24 7.79
C GLU A 193 -9.02 24.09 8.12
N LYS A 194 -8.57 22.85 7.91
CA LYS A 194 -9.41 21.70 8.18
C LYS A 194 -8.61 20.55 8.78
N ASN A 195 -9.38 19.63 9.37
CA ASN A 195 -8.86 18.38 9.91
C ASN A 195 -9.33 17.23 9.04
N ILE A 196 -8.36 16.41 8.62
CA ILE A 196 -8.61 15.28 7.72
C ILE A 196 -8.19 14.00 8.41
N LEU A 197 -9.10 13.02 8.40
CA LEU A 197 -8.81 11.72 8.94
C LEU A 197 -8.69 10.73 7.79
N VAL A 198 -7.50 10.13 7.63
CA VAL A 198 -7.26 9.13 6.61
C VAL A 198 -7.30 7.76 7.27
N PHE A 199 -8.20 6.90 6.76
CA PHE A 199 -8.44 5.57 7.29
C PHE A 199 -8.02 4.60 6.18
N ASP A 200 -6.88 3.95 6.35
CA ASP A 200 -6.18 3.24 5.30
C ASP A 200 -5.99 1.78 5.70
N LEU A 201 -6.89 0.95 5.18
CA LEU A 201 -6.84 -0.48 5.45
C LEU A 201 -6.43 -1.22 4.17
N GLY A 202 -5.12 -1.51 4.08
CA GLY A 202 -4.48 -2.12 2.93
C GLY A 202 -4.56 -3.64 2.97
N GLY A 203 -3.84 -4.29 2.07
CA GLY A 203 -3.76 -5.73 2.08
C GLY A 203 -3.05 -6.28 3.31
N GLY A 204 -2.07 -5.55 3.85
CA GLY A 204 -1.27 -6.10 4.92
C GLY A 204 -1.18 -5.21 6.16
N THR A 205 -1.48 -3.90 6.02
CA THR A 205 -1.29 -2.93 7.09
C THR A 205 -2.48 -2.00 7.19
N PHE A 206 -2.68 -1.49 8.39
CA PHE A 206 -3.75 -0.56 8.71
C PHE A 206 -3.15 0.71 9.29
N ASP A 207 -3.43 1.84 8.65
CA ASP A 207 -2.88 3.13 9.06
C ASP A 207 -3.99 4.16 9.20
N VAL A 208 -4.01 4.80 10.38
CA VAL A 208 -4.88 5.93 10.60
C VAL A 208 -4.01 7.17 10.78
N SER A 209 -4.28 8.21 9.99
CA SER A 209 -3.52 9.45 10.01
C SER A 209 -4.46 10.64 10.14
N LEU A 210 -4.15 11.52 11.10
CA LEU A 210 -4.77 12.82 11.19
C LEU A 210 -3.82 13.84 10.57
N LEU A 211 -4.37 14.51 9.55
CA LEU A 211 -3.72 15.58 8.81
C LEU A 211 -4.46 16.88 9.12
N THR A 212 -3.72 17.98 9.16
CA THR A 212 -4.32 19.29 9.03
C THR A 212 -3.99 19.83 7.64
N ILE A 213 -4.84 20.72 7.18
CA ILE A 213 -4.57 21.56 6.03
C ILE A 213 -4.65 23.01 6.49
N ASP A 214 -3.64 23.79 6.08
CA ASP A 214 -3.50 25.20 6.41
C ASP A 214 -3.02 25.87 5.13
N ASN A 215 -3.90 26.70 4.55
CA ASN A 215 -3.56 27.45 3.35
C ASN A 215 -3.02 26.51 2.27
N GLY A 216 -3.67 25.36 2.09
CA GLY A 216 -3.36 24.46 0.98
C GLY A 216 -2.21 23.50 1.26
N VAL A 217 -1.65 23.53 2.49
CA VAL A 217 -0.48 22.74 2.83
C VAL A 217 -0.82 21.83 4.01
N PHE A 218 -0.37 20.56 3.91
CA PHE A 218 -0.69 19.54 4.89
C PHE A 218 0.36 19.47 6.00
N GLU A 219 -0.09 18.94 7.13
CA GLU A 219 0.79 18.49 8.19
C GLU A 219 0.22 17.20 8.77
N VAL A 220 1.07 16.18 8.93
CA VAL A 220 0.70 14.94 9.55
C VAL A 220 0.84 15.13 11.04
N VAL A 221 -0.28 15.18 11.74
CA VAL A 221 -0.30 15.55 13.15
C VAL A 221 -0.20 14.33 14.05
N ALA A 222 -0.89 13.25 13.70
CA ALA A 222 -0.94 12.09 14.57
C ALA A 222 -1.18 10.88 13.69
N THR A 223 -0.50 9.78 14.04
CA THR A 223 -0.67 8.52 13.34
C THR A 223 -0.85 7.38 14.35
N ASN A 224 -1.57 6.34 13.90
CA ASN A 224 -1.73 5.11 14.64
C ASN A 224 -2.15 4.02 13.65
N GLY A 225 -2.46 2.81 14.15
CA GLY A 225 -2.84 1.73 13.24
C GLY A 225 -2.30 0.41 13.76
N ASP A 226 -2.17 -0.55 12.85
CA ASP A 226 -1.69 -1.87 13.16
C ASP A 226 -0.96 -2.41 11.93
N THR A 227 0.36 -2.60 11.99
CA THR A 227 1.13 -2.99 10.81
C THR A 227 0.87 -4.46 10.46
N HIS A 228 0.08 -5.19 11.26
CA HIS A 228 -0.21 -6.61 11.01
C HIS A 228 -1.72 -6.83 10.92
N LEU A 229 -2.43 -5.82 10.38
CA LEU A 229 -3.85 -5.94 10.12
C LEU A 229 -4.13 -5.43 8.71
N GLY A 230 -4.69 -6.31 7.90
CA GLY A 230 -5.10 -5.89 6.58
C GLY A 230 -6.04 -6.92 5.95
N GLY A 231 -6.37 -6.68 4.69
CA GLY A 231 -7.26 -7.55 3.94
C GLY A 231 -6.83 -9.01 3.96
N GLU A 232 -5.52 -9.30 3.94
CA GLU A 232 -5.04 -10.66 3.96
C GLU A 232 -5.41 -11.41 5.23
N ASP A 233 -5.59 -10.68 6.34
CA ASP A 233 -5.98 -11.32 7.58
C ASP A 233 -7.45 -11.77 7.50
N PHE A 234 -8.30 -11.00 6.82
CA PHE A 234 -9.69 -11.43 6.62
C PHE A 234 -9.74 -12.68 5.74
N ASP A 235 -8.87 -12.70 4.73
CA ASP A 235 -8.79 -13.84 3.82
C ASP A 235 -8.35 -15.05 4.63
N GLN A 236 -7.34 -14.89 5.51
CA GLN A 236 -6.84 -16.00 6.30
C GLN A 236 -7.93 -16.57 7.23
N ARG A 237 -8.78 -15.72 7.81
CA ARG A 237 -9.87 -16.21 8.64
C ARG A 237 -10.80 -17.12 7.82
N VAL A 238 -11.07 -16.71 6.60
CA VAL A 238 -11.93 -17.48 5.70
C VAL A 238 -11.22 -18.79 5.29
N MET A 239 -9.92 -18.70 4.95
N MET A 239 -9.91 -18.74 4.99
CA MET A 239 -9.11 -19.87 4.64
CA MET A 239 -9.16 -19.91 4.60
C MET A 239 -9.26 -20.92 5.74
C MET A 239 -9.15 -20.95 5.74
N GLU A 240 -9.00 -20.51 6.99
CA GLU A 240 -9.04 -21.41 8.13
C GLU A 240 -10.41 -22.10 8.24
N HIS A 241 -11.47 -21.31 8.06
CA HIS A 241 -12.84 -21.81 8.12
C HIS A 241 -13.00 -22.96 7.10
N PHE A 242 -12.58 -22.72 5.86
CA PHE A 242 -12.80 -23.69 4.78
C PHE A 242 -11.86 -24.88 4.88
N ILE A 243 -10.64 -24.67 5.35
CA ILE A 243 -9.73 -25.79 5.52
C ILE A 243 -10.31 -26.75 6.57
N LYS A 244 -10.84 -26.15 7.66
CA LYS A 244 -11.44 -26.91 8.75
C LYS A 244 -12.70 -27.63 8.25
N LEU A 245 -13.52 -26.94 7.45
CA LEU A 245 -14.74 -27.53 6.91
C LEU A 245 -14.39 -28.70 6.00
N TYR A 246 -13.36 -28.52 5.17
CA TYR A 246 -13.03 -29.55 4.20
C TYR A 246 -12.56 -30.83 4.88
N LYS A 247 -11.80 -30.65 5.97
CA LYS A 247 -11.29 -31.75 6.77
C LYS A 247 -12.44 -32.47 7.47
N LYS A 248 -13.39 -31.71 8.03
CA LYS A 248 -14.59 -32.29 8.62
C LYS A 248 -15.34 -33.10 7.56
N LYS A 249 -15.37 -32.64 6.30
CA LYS A 249 -16.21 -33.27 5.28
C LYS A 249 -15.54 -34.49 4.62
N THR A 250 -14.23 -34.44 4.43
CA THR A 250 -13.54 -35.43 3.63
C THR A 250 -12.53 -36.25 4.46
N GLY A 251 -12.17 -35.75 5.66
CA GLY A 251 -11.07 -36.28 6.46
C GLY A 251 -9.67 -35.86 5.96
N LYS A 252 -9.63 -35.01 4.93
CA LYS A 252 -8.38 -34.56 4.33
C LYS A 252 -7.99 -33.19 4.88
N ASP A 253 -6.74 -33.13 5.34
CA ASP A 253 -6.13 -31.90 5.85
C ASP A 253 -5.20 -31.35 4.77
N VAL A 254 -5.59 -30.23 4.15
CA VAL A 254 -4.89 -29.73 2.98
C VAL A 254 -3.78 -28.75 3.33
N ARG A 255 -3.56 -28.45 4.62
CA ARG A 255 -2.67 -27.39 5.06
C ARG A 255 -1.21 -27.65 4.68
N LYS A 256 -0.79 -28.92 4.54
CA LYS A 256 0.61 -29.22 4.24
C LYS A 256 0.85 -29.06 2.74
N ASP A 257 -0.22 -28.81 1.98
CA ASP A 257 -0.18 -28.93 0.52
C ASP A 257 -0.28 -27.55 -0.14
N ASN A 258 0.87 -26.94 -0.41
CA ASN A 258 0.90 -25.54 -0.78
C ASN A 258 0.04 -25.23 -2.01
N ARG A 259 0.02 -26.13 -3.01
CA ARG A 259 -0.69 -25.85 -4.25
C ARG A 259 -2.18 -25.73 -3.99
N ALA A 260 -2.74 -26.64 -3.18
CA ALA A 260 -4.15 -26.58 -2.82
C ALA A 260 -4.44 -25.31 -2.04
N VAL A 261 -3.55 -24.96 -1.10
CA VAL A 261 -3.73 -23.76 -0.29
C VAL A 261 -3.73 -22.52 -1.18
N GLN A 262 -2.78 -22.44 -2.12
CA GLN A 262 -2.71 -21.34 -3.05
C GLN A 262 -4.01 -21.20 -3.85
N LYS A 263 -4.52 -22.33 -4.34
CA LYS A 263 -5.73 -22.31 -5.16
C LYS A 263 -6.87 -21.77 -4.32
N LEU A 264 -6.97 -22.22 -3.06
CA LEU A 264 -8.04 -21.75 -2.19
C LEU A 264 -7.89 -20.27 -1.89
N ARG A 265 -6.66 -19.79 -1.61
CA ARG A 265 -6.44 -18.39 -1.27
C ARG A 265 -6.89 -17.49 -2.43
N ARG A 266 -6.57 -17.88 -3.67
CA ARG A 266 -6.97 -17.10 -4.83
C ARG A 266 -8.50 -16.96 -4.90
N GLU A 267 -9.21 -18.07 -4.71
CA GLU A 267 -10.67 -18.05 -4.79
C GLU A 267 -11.27 -17.31 -3.59
N VAL A 268 -10.62 -17.38 -2.41
CA VAL A 268 -11.13 -16.67 -1.23
C VAL A 268 -10.98 -15.16 -1.43
N GLU A 269 -9.84 -14.70 -1.98
CA GLU A 269 -9.67 -13.29 -2.27
C GLU A 269 -10.79 -12.79 -3.18
N LYS A 270 -11.15 -13.59 -4.19
CA LYS A 270 -12.19 -13.18 -5.12
C LYS A 270 -13.54 -13.14 -4.41
N ALA A 271 -13.81 -14.14 -3.58
CA ALA A 271 -15.07 -14.21 -2.81
C ALA A 271 -15.23 -13.01 -1.91
N LYS A 272 -14.13 -12.65 -1.25
CA LYS A 272 -14.19 -11.52 -0.35
C LYS A 272 -14.58 -10.26 -1.10
N ARG A 273 -13.94 -10.01 -2.25
CA ARG A 273 -14.28 -8.84 -3.04
C ARG A 273 -15.75 -8.90 -3.47
N ALA A 274 -16.19 -10.08 -3.88
CA ALA A 274 -17.57 -10.24 -4.32
C ALA A 274 -18.55 -9.92 -3.20
N LEU A 275 -18.22 -10.27 -1.96
CA LEU A 275 -19.12 -10.05 -0.82
C LEU A 275 -19.23 -8.57 -0.40
N SER A 276 -18.43 -7.68 -0.98
CA SER A 276 -18.66 -6.25 -0.81
C SER A 276 -19.89 -5.76 -1.61
N SER A 277 -20.40 -6.55 -2.55
CA SER A 277 -21.52 -6.13 -3.37
C SER A 277 -22.60 -7.23 -3.45
N GLN A 278 -22.29 -8.46 -3.03
CA GLN A 278 -23.25 -9.56 -3.05
C GLN A 278 -23.37 -10.09 -1.62
N HIS A 279 -24.41 -10.87 -1.35
CA HIS A 279 -24.60 -11.50 -0.04
C HIS A 279 -24.11 -12.94 0.04
N GLN A 280 -23.76 -13.53 -1.11
CA GLN A 280 -23.19 -14.87 -1.17
C GLN A 280 -22.14 -14.90 -2.27
N ALA A 281 -21.17 -15.79 -2.10
CA ALA A 281 -20.09 -16.04 -3.04
C ALA A 281 -19.85 -17.54 -3.06
N ARG A 282 -19.80 -18.14 -4.27
CA ARG A 282 -19.56 -19.57 -4.42
C ARG A 282 -18.09 -19.76 -4.73
N ILE A 283 -17.40 -20.58 -3.91
CA ILE A 283 -16.00 -20.89 -4.14
C ILE A 283 -15.93 -22.28 -4.76
N GLU A 284 -15.42 -22.36 -6.00
CA GLU A 284 -15.36 -23.60 -6.74
C GLU A 284 -13.93 -23.78 -7.23
N ILE A 285 -13.34 -24.94 -6.90
CA ILE A 285 -12.02 -25.29 -7.42
C ILE A 285 -12.07 -26.72 -7.94
N GLU A 286 -11.89 -26.89 -9.26
CA GLU A 286 -11.73 -28.20 -9.86
C GLU A 286 -10.36 -28.74 -9.48
N SER A 287 -10.30 -30.03 -9.13
CA SER A 287 -9.06 -30.72 -8.76
C SER A 287 -8.33 -29.97 -7.66
N PHE A 288 -9.07 -29.67 -6.59
CA PHE A 288 -8.54 -28.95 -5.45
C PHE A 288 -7.50 -29.77 -4.69
N TYR A 289 -7.84 -31.02 -4.37
CA TYR A 289 -6.98 -31.82 -3.54
C TYR A 289 -7.13 -33.30 -3.89
N GLU A 290 -6.02 -33.94 -4.20
CA GLU A 290 -6.02 -35.35 -4.59
C GLU A 290 -6.98 -35.58 -5.76
N GLY A 291 -7.11 -34.57 -6.66
CA GLY A 291 -7.95 -34.63 -7.84
C GLY A 291 -9.46 -34.44 -7.58
N GLU A 292 -9.84 -34.15 -6.32
CA GLU A 292 -11.24 -34.00 -5.93
C GLU A 292 -11.59 -32.52 -5.96
N ASP A 293 -12.86 -32.23 -6.27
CA ASP A 293 -13.29 -30.86 -6.49
C ASP A 293 -13.80 -30.25 -5.19
N PHE A 294 -13.66 -28.93 -5.11
CA PHE A 294 -14.12 -28.16 -3.97
C PHE A 294 -15.27 -27.25 -4.41
N SER A 295 -16.35 -27.24 -3.66
CA SER A 295 -17.49 -26.39 -3.96
C SER A 295 -18.19 -26.04 -2.66
N GLU A 296 -18.09 -24.76 -2.26
CA GLU A 296 -18.73 -24.28 -1.05
C GLU A 296 -19.17 -22.84 -1.25
N THR A 297 -20.03 -22.36 -0.37
CA THR A 297 -20.53 -21.01 -0.49
C THR A 297 -20.18 -20.27 0.80
N LEU A 298 -19.96 -18.97 0.66
CA LEU A 298 -19.70 -18.11 1.79
C LEU A 298 -20.73 -16.99 1.76
N THR A 299 -21.48 -16.82 2.86
CA THR A 299 -22.40 -15.70 2.95
C THR A 299 -21.69 -14.48 3.53
N ARG A 300 -22.21 -13.29 3.22
CA ARG A 300 -21.67 -12.09 3.85
C ARG A 300 -21.75 -12.21 5.38
N ALA A 301 -22.86 -12.77 5.91
CA ALA A 301 -23.00 -12.90 7.36
C ALA A 301 -21.87 -13.75 7.96
N LYS A 302 -21.51 -14.83 7.28
CA LYS A 302 -20.49 -15.74 7.80
C LYS A 302 -19.12 -15.04 7.72
N PHE A 303 -18.90 -14.36 6.58
CA PHE A 303 -17.69 -13.57 6.41
C PHE A 303 -17.56 -12.57 7.55
N GLU A 304 -18.65 -11.87 7.86
CA GLU A 304 -18.68 -10.89 8.96
C GLU A 304 -18.41 -11.57 10.29
N GLU A 305 -19.05 -12.72 10.53
CA GLU A 305 -18.88 -13.44 11.79
C GLU A 305 -17.42 -13.86 11.96
N LEU A 306 -16.79 -14.33 10.88
CA LEU A 306 -15.42 -14.83 10.95
C LEU A 306 -14.40 -13.72 11.27
N ASN A 307 -14.75 -12.46 11.01
CA ASN A 307 -13.84 -11.34 11.07
C ASN A 307 -14.31 -10.23 12.00
N MET A 308 -15.35 -10.48 12.81
CA MET A 308 -16.00 -9.37 13.50
C MET A 308 -15.03 -8.66 14.47
N ASP A 309 -14.20 -9.44 15.17
CA ASP A 309 -13.24 -8.85 16.11
C ASP A 309 -12.21 -7.99 15.35
N LEU A 310 -11.73 -8.49 14.21
CA LEU A 310 -10.76 -7.76 13.40
C LEU A 310 -11.39 -6.47 12.87
N PHE A 311 -12.64 -6.52 12.41
CA PHE A 311 -13.29 -5.33 11.89
C PHE A 311 -13.43 -4.27 12.98
N ARG A 312 -13.86 -4.71 14.16
CA ARG A 312 -14.10 -3.78 15.25
C ARG A 312 -12.79 -3.17 15.73
N SER A 313 -11.70 -3.95 15.60
CA SER A 313 -10.41 -3.51 16.09
C SER A 313 -9.87 -2.30 15.32
N THR A 314 -10.45 -2.02 14.13
CA THR A 314 -10.02 -0.87 13.35
C THR A 314 -10.40 0.45 14.01
N MET A 315 -11.40 0.46 14.90
CA MET A 315 -11.90 1.69 15.48
C MET A 315 -10.98 2.18 16.61
N LYS A 316 -10.25 1.30 17.30
CA LYS A 316 -9.40 1.70 18.41
C LYS A 316 -8.31 2.69 17.98
N PRO A 317 -7.52 2.43 16.90
CA PRO A 317 -6.51 3.42 16.48
C PRO A 317 -7.15 4.76 16.14
N VAL A 318 -8.36 4.74 15.58
CA VAL A 318 -9.06 5.98 15.25
C VAL A 318 -9.32 6.77 16.53
N GLN A 319 -9.85 6.11 17.58
CA GLN A 319 -10.06 6.75 18.86
C GLN A 319 -8.74 7.32 19.41
N LYS A 320 -7.66 6.54 19.31
CA LYS A 320 -6.36 6.95 19.81
C LYS A 320 -5.84 8.23 19.16
N VAL A 321 -6.01 8.34 17.82
CA VAL A 321 -5.59 9.51 17.09
C VAL A 321 -6.43 10.74 17.50
N LEU A 322 -7.74 10.57 17.64
CA LEU A 322 -8.58 11.69 18.07
C LEU A 322 -8.20 12.14 19.48
N GLU A 323 -7.98 11.17 20.37
CA GLU A 323 -7.62 11.51 21.75
C GLU A 323 -6.28 12.23 21.79
N ASP A 324 -5.31 11.75 21.00
CA ASP A 324 -3.95 12.29 21.01
C ASP A 324 -3.95 13.76 20.58
N SER A 325 -4.88 14.09 19.67
CA SER A 325 -5.00 15.44 19.13
C SER A 325 -6.06 16.26 19.85
N ASP A 326 -6.79 15.62 20.79
CA ASP A 326 -7.88 16.23 21.56
C ASP A 326 -8.95 16.75 20.59
N LEU A 327 -9.23 16.02 19.51
CA LEU A 327 -10.30 16.42 18.58
C LEU A 327 -11.62 15.71 18.87
N LYS A 328 -12.74 16.46 18.80
CA LYS A 328 -14.04 15.80 18.79
C LYS A 328 -14.25 15.10 17.44
N LYS A 329 -15.15 14.12 17.42
CA LYS A 329 -15.54 13.45 16.18
C LYS A 329 -15.98 14.48 15.13
N SER A 330 -16.69 15.50 15.60
CA SER A 330 -17.27 16.57 14.79
C SER A 330 -16.26 17.54 14.19
N ASP A 331 -15.03 17.55 14.74
CA ASP A 331 -13.95 18.40 14.27
C ASP A 331 -13.37 17.84 12.97
N ILE A 332 -13.73 16.60 12.61
CA ILE A 332 -13.17 15.98 11.40
C ILE A 332 -13.98 16.48 10.21
N ASP A 333 -13.31 17.21 9.31
CA ASP A 333 -13.96 17.88 8.21
C ASP A 333 -14.07 16.94 7.00
N GLU A 334 -13.10 16.03 6.87
CA GLU A 334 -13.07 15.07 5.78
C GLU A 334 -12.55 13.73 6.27
N ILE A 335 -13.20 12.66 5.82
CA ILE A 335 -12.75 11.30 6.05
C ILE A 335 -12.38 10.72 4.68
N VAL A 336 -11.12 10.27 4.58
CA VAL A 336 -10.61 9.70 3.35
C VAL A 336 -10.33 8.20 3.56
N LEU A 337 -10.99 7.36 2.78
CA LEU A 337 -10.81 5.92 2.84
C LEU A 337 -9.84 5.45 1.76
N VAL A 338 -8.90 4.61 2.19
CA VAL A 338 -7.87 4.03 1.33
C VAL A 338 -7.85 2.53 1.58
N GLY A 339 -7.63 1.78 0.50
CA GLY A 339 -7.72 0.32 0.50
C GLY A 339 -9.08 -0.27 0.16
N GLY A 340 -9.09 -1.33 -0.69
CA GLY A 340 -10.32 -2.00 -1.06
C GLY A 340 -11.03 -2.63 0.13
N SER A 341 -10.30 -2.94 1.21
CA SER A 341 -10.98 -3.41 2.40
C SER A 341 -11.96 -2.38 2.96
N THR A 342 -11.79 -1.09 2.64
CA THR A 342 -12.72 -0.08 3.11
C THR A 342 -14.08 -0.15 2.39
N ARG A 343 -14.19 -0.96 1.36
CA ARG A 343 -15.47 -1.13 0.67
C ARG A 343 -16.29 -2.22 1.34
N ILE A 344 -15.67 -2.98 2.26
CA ILE A 344 -16.40 -3.99 3.01
C ILE A 344 -17.56 -3.31 3.71
N PRO A 345 -18.82 -3.71 3.44
CA PRO A 345 -19.98 -3.05 4.07
C PRO A 345 -19.87 -2.87 5.58
N LYS A 346 -19.40 -3.90 6.32
CA LYS A 346 -19.31 -3.76 7.76
C LYS A 346 -18.28 -2.68 8.16
N ILE A 347 -17.16 -2.58 7.44
CA ILE A 347 -16.18 -1.54 7.68
C ILE A 347 -16.75 -0.14 7.37
N GLN A 348 -17.47 0.00 6.23
CA GLN A 348 -18.20 1.25 5.98
C GLN A 348 -19.14 1.62 7.14
N GLN A 349 -19.91 0.64 7.63
CA GLN A 349 -20.88 0.89 8.68
C GLN A 349 -20.18 1.30 9.98
N LEU A 350 -19.09 0.62 10.37
CA LEU A 350 -18.35 0.96 11.57
C LEU A 350 -17.82 2.40 11.49
N VAL A 351 -17.28 2.79 10.33
CA VAL A 351 -16.71 4.11 10.15
C VAL A 351 -17.80 5.19 10.21
N LYS A 352 -18.91 4.93 9.49
CA LYS A 352 -20.06 5.84 9.49
C LYS A 352 -20.59 6.00 10.91
N GLU A 353 -20.81 4.90 11.66
CA GLU A 353 -21.31 4.96 13.02
C GLU A 353 -20.33 5.69 13.94
N PHE A 354 -19.03 5.42 13.79
CA PHE A 354 -18.02 6.10 14.59
C PHE A 354 -18.12 7.61 14.40
N PHE A 355 -18.34 8.05 13.15
CA PHE A 355 -18.33 9.46 12.83
C PHE A 355 -19.74 10.01 12.69
N ASN A 356 -20.71 9.41 13.40
CA ASN A 356 -22.03 10.05 13.60
C ASN A 356 -22.70 10.28 12.25
N GLY A 357 -22.48 9.35 11.31
CA GLY A 357 -23.17 9.33 10.03
C GLY A 357 -22.53 10.18 8.94
N LYS A 358 -21.36 10.75 9.21
CA LYS A 358 -20.70 11.55 8.19
C LYS A 358 -20.26 10.65 7.03
N GLU A 359 -20.51 11.12 5.83
CA GLU A 359 -20.10 10.38 4.65
C GLU A 359 -18.63 10.66 4.34
N PRO A 360 -17.83 9.61 4.07
CA PRO A 360 -16.47 9.82 3.56
C PRO A 360 -16.42 10.41 2.16
N SER A 361 -15.24 10.91 1.78
CA SER A 361 -14.91 11.14 0.37
C SER A 361 -15.20 9.89 -0.47
N ARG A 362 -15.67 10.14 -1.71
CA ARG A 362 -15.92 9.04 -2.63
C ARG A 362 -15.65 9.56 -4.04
N GLY A 363 -15.36 8.61 -4.93
CA GLY A 363 -15.22 8.96 -6.33
C GLY A 363 -13.97 8.32 -6.93
N ILE A 364 -13.00 7.99 -6.06
CA ILE A 364 -11.78 7.32 -6.49
C ILE A 364 -11.72 5.95 -5.85
N ASN A 365 -11.36 4.94 -6.67
CA ASN A 365 -11.18 3.58 -6.19
C ASN A 365 -10.19 3.63 -5.03
N PRO A 366 -10.53 3.11 -3.83
CA PRO A 366 -9.63 3.25 -2.68
C PRO A 366 -8.29 2.52 -2.82
N ASP A 367 -8.23 1.48 -3.67
CA ASP A 367 -6.96 0.84 -3.97
C ASP A 367 -6.06 1.73 -4.83
N GLU A 368 -6.59 2.80 -5.45
CA GLU A 368 -5.87 3.58 -6.43
C GLU A 368 -5.55 4.97 -5.93
N ALA A 369 -6.14 5.38 -4.77
CA ALA A 369 -6.15 6.76 -4.36
C ALA A 369 -4.74 7.28 -4.06
N VAL A 370 -3.87 6.44 -3.51
CA VAL A 370 -2.51 6.88 -3.17
C VAL A 370 -1.70 7.15 -4.43
N ALA A 371 -1.70 6.21 -5.38
CA ALA A 371 -1.10 6.44 -6.68
C ALA A 371 -1.68 7.68 -7.35
N TYR A 372 -3.02 7.86 -7.29
CA TYR A 372 -3.71 8.98 -7.90
C TYR A 372 -3.04 10.27 -7.40
N GLY A 373 -2.91 10.39 -6.08
CA GLY A 373 -2.35 11.58 -5.48
C GLY A 373 -0.91 11.80 -5.92
N ALA A 374 -0.13 10.72 -5.92
CA ALA A 374 1.24 10.78 -6.36
C ALA A 374 1.30 11.33 -7.79
N ALA A 375 0.41 10.85 -8.67
CA ALA A 375 0.38 11.26 -10.05
C ALA A 375 -0.03 12.73 -10.21
N VAL A 376 -0.94 13.21 -9.33
CA VAL A 376 -1.30 14.62 -9.30
C VAL A 376 -0.05 15.46 -9.03
N GLN A 377 0.72 15.11 -7.99
CA GLN A 377 1.91 15.87 -7.60
C GLN A 377 2.98 15.78 -8.71
N ALA A 378 3.11 14.60 -9.34
CA ALA A 378 4.07 14.42 -10.41
C ALA A 378 3.71 15.30 -11.59
N GLY A 379 2.42 15.57 -11.76
CA GLY A 379 1.89 16.38 -12.86
C GLY A 379 2.39 17.82 -12.87
N VAL A 380 2.90 18.36 -11.75
CA VAL A 380 3.41 19.72 -11.77
C VAL A 380 4.93 19.78 -12.02
N LEU A 381 5.61 18.63 -12.16
CA LEU A 381 7.07 18.62 -12.18
C LEU A 381 7.62 18.63 -13.62
N ASP B 12 11.70 28.23 15.27
CA ASP B 12 11.77 29.45 14.42
C ASP B 12 10.84 29.25 13.23
N LEU B 13 11.34 28.57 12.19
CA LEU B 13 10.52 28.35 11.00
C LEU B 13 9.28 27.51 11.36
N ARG B 14 9.47 26.44 12.15
CA ARG B 14 8.41 25.45 12.33
C ARG B 14 7.23 26.10 13.06
N LYS B 15 7.44 27.28 13.65
CA LYS B 15 6.43 27.94 14.47
C LYS B 15 5.55 28.87 13.64
N MET B 16 5.91 29.13 12.38
CA MET B 16 5.17 30.09 11.57
C MET B 16 3.97 29.43 10.90
N ARG B 17 2.98 30.25 10.53
CA ARG B 17 1.86 29.74 9.76
C ARG B 17 2.33 29.50 8.32
N VAL B 18 1.65 28.60 7.62
CA VAL B 18 1.93 28.33 6.23
C VAL B 18 1.88 29.65 5.44
N ALA B 19 0.89 30.53 5.70
CA ALA B 19 0.78 31.79 4.97
C ALA B 19 2.06 32.62 5.11
N GLU B 20 2.72 32.54 6.28
CA GLU B 20 3.92 33.31 6.54
C GLU B 20 5.10 32.70 5.79
N LEU B 21 5.21 31.37 5.79
CA LEU B 21 6.21 30.66 5.00
C LEU B 21 6.09 30.99 3.52
N LYS B 22 4.85 31.02 3.00
CA LYS B 22 4.61 31.36 1.60
C LYS B 22 4.99 32.81 1.33
N GLN B 23 4.67 33.70 2.28
CA GLN B 23 5.04 35.11 2.23
C GLN B 23 6.56 35.28 2.06
N ILE B 24 7.36 34.54 2.83
CA ILE B 24 8.80 34.62 2.74
C ILE B 24 9.27 34.24 1.33
N LEU B 25 8.74 33.11 0.83
CA LEU B 25 9.16 32.58 -0.47
C LEU B 25 8.71 33.51 -1.60
N HIS B 26 7.48 34.03 -1.52
CA HIS B 26 6.95 34.93 -2.53
C HIS B 26 7.82 36.19 -2.65
N SER B 27 8.30 36.69 -1.51
CA SER B 27 9.09 37.91 -1.45
C SER B 27 10.46 37.71 -2.11
N TRP B 28 10.94 36.46 -2.16
CA TRP B 28 12.17 36.08 -2.85
C TRP B 28 11.94 35.76 -4.33
N GLY B 29 10.66 35.76 -4.78
CA GLY B 29 10.34 35.28 -6.13
C GLY B 29 10.69 33.81 -6.32
N GLU B 30 10.60 33.02 -5.23
CA GLU B 30 10.88 31.59 -5.26
C GLU B 30 9.57 30.83 -5.03
N GLU B 31 9.44 29.67 -5.66
CA GLU B 31 8.24 28.86 -5.55
C GLU B 31 8.61 27.50 -4.96
N CYS B 32 7.73 26.95 -4.13
CA CYS B 32 7.86 25.58 -3.63
C CYS B 32 7.00 24.68 -4.52
N ARG B 33 7.65 24.09 -5.54
CA ARG B 33 6.97 23.26 -6.52
C ARG B 33 6.79 21.86 -5.95
N ALA B 34 5.57 21.31 -6.02
CA ALA B 34 5.31 19.95 -5.56
C ALA B 34 5.76 19.78 -4.12
N CYS B 35 5.28 20.70 -3.27
CA CYS B 35 5.58 20.75 -1.85
C CYS B 35 4.32 20.50 -1.03
N ALA B 36 4.13 19.25 -0.63
CA ALA B 36 2.82 18.86 -0.11
C ALA B 36 2.65 19.30 1.35
N GLU B 37 3.76 19.37 2.10
CA GLU B 37 3.67 19.50 3.55
C GLU B 37 4.48 20.70 4.05
N LYS B 38 4.19 21.14 5.28
CA LYS B 38 4.82 22.33 5.84
C LYS B 38 6.33 22.16 5.92
N THR B 39 6.78 20.95 6.26
CA THR B 39 8.19 20.60 6.31
C THR B 39 8.88 20.93 4.98
N ASP B 40 8.19 20.70 3.86
CA ASP B 40 8.73 21.02 2.54
C ASP B 40 9.03 22.52 2.41
N TYR B 41 8.18 23.38 2.95
CA TYR B 41 8.34 24.83 2.87
C TYR B 41 9.46 25.26 3.81
N VAL B 42 9.45 24.67 5.01
CA VAL B 42 10.51 24.93 5.99
C VAL B 42 11.87 24.57 5.38
N ASN B 43 11.96 23.39 4.75
CA ASN B 43 13.24 22.91 4.25
C ASN B 43 13.73 23.83 3.13
N LEU B 44 12.83 24.28 2.26
CA LEU B 44 13.25 25.07 1.12
C LEU B 44 13.72 26.46 1.57
N ILE B 45 13.04 27.06 2.53
CA ILE B 45 13.45 28.36 3.05
C ILE B 45 14.85 28.25 3.70
N GLN B 46 15.10 27.18 4.44
CA GLN B 46 16.41 26.99 5.06
C GLN B 46 17.51 26.89 4.02
N GLU B 47 17.24 26.16 2.93
CA GLU B 47 18.23 25.94 1.89
C GLU B 47 18.45 27.23 1.08
N LEU B 48 17.41 28.04 0.93
CA LEU B 48 17.49 29.23 0.11
C LEU B 48 17.94 30.47 0.88
N ALA B 49 17.82 30.44 2.22
CA ALA B 49 18.13 31.59 3.09
C ALA B 49 19.50 32.22 2.82
N PRO B 50 20.62 31.48 2.70
CA PRO B 50 21.91 32.12 2.37
C PRO B 50 21.97 32.86 1.03
N LYS B 51 20.99 32.62 0.15
CA LYS B 51 20.89 33.37 -1.10
C LYS B 51 20.20 34.72 -0.87
N TYR B 52 19.24 34.78 0.07
CA TYR B 52 18.41 35.96 0.27
C TYR B 52 18.46 36.39 1.74
MG MG C . -1.37 1.39 0.75
CL CL D . -1.07 -3.22 0.04
P PO4 E . 0.97 0.07 2.71
O1 PO4 E . 0.99 -1.13 3.48
O2 PO4 E . 1.80 -0.10 1.44
O3 PO4 E . -0.46 0.55 2.34
O4 PO4 E . 1.64 1.31 3.53
C1 GOL F . -5.68 -3.29 -0.83
O1 GOL F . -5.34 -4.66 -1.07
C2 GOL F . -4.63 -2.27 -1.26
O2 GOL F . -3.36 -2.89 -1.36
C3 GOL F . -4.53 -1.10 -0.27
O3 GOL F . -4.71 0.19 -0.85
#